data_3NNH
#
_entry.id   3NNH
#
_cell.length_a   59.180
_cell.length_b   62.074
_cell.length_c   122.052
_cell.angle_alpha   90.00
_cell.angle_beta   90.00
_cell.angle_gamma   90.00
#
_symmetry.space_group_name_H-M   'P 21 21 21'
#
loop_
_entity.id
_entity.type
_entity.pdbx_description
1 polymer 'CUGBP Elav-like family member 1'
2 polymer "RNA (5'-R(*GP*UP*UP*GP*UP*UP*UP*UP*GP*UP*UP*U)-3')"
3 water water
#
loop_
_entity_poly.entity_id
_entity_poly.type
_entity_poly.pdbx_seq_one_letter_code
_entity_poly.pdbx_strand_id
1 'polypeptide(L)'
;SDAIKMFVGQVPRTWSEKDLRELFEQYGAVYEINVLRDRSQNPPQSKGCCFVTFYTRKAALEAQNALHNMKVLPGMHHPI
QMKPADSE
;
A,C,B,D
2 'polyribonucleotide' GUUGUUUUGUUU E,F
#
loop_
_chem_comp.id
_chem_comp.type
_chem_comp.name
_chem_comp.formula
G RNA linking GUANOSINE-5'-MONOPHOSPHATE 'C10 H14 N5 O8 P'
U RNA linking URIDINE-5'-MONOPHOSPHATE 'C9 H13 N2 O9 P'
#
# COMPACT_ATOMS: atom_id res chain seq x y z
N ASP A 2 47.51 5.83 15.53
CA ASP A 2 46.61 6.32 14.48
C ASP A 2 45.29 5.51 14.42
N ALA A 3 44.20 6.16 14.01
CA ALA A 3 42.88 5.52 13.99
C ALA A 3 42.72 4.41 12.92
N ILE A 4 42.17 3.28 13.33
CA ILE A 4 41.95 2.15 12.43
C ILE A 4 40.60 1.50 12.69
N LYS A 5 39.87 1.26 11.60
CA LYS A 5 38.46 0.83 11.65
C LYS A 5 38.34 -0.70 11.56
N MET A 6 37.78 -1.30 12.60
CA MET A 6 37.77 -2.76 12.73
C MET A 6 36.39 -3.36 12.55
N PHE A 7 36.31 -4.44 11.78
CA PHE A 7 35.07 -5.19 11.64
C PHE A 7 34.92 -6.23 12.74
N VAL A 8 33.77 -6.23 13.40
CA VAL A 8 33.51 -7.21 14.45
C VAL A 8 32.24 -7.99 14.18
N GLY A 9 32.30 -9.32 14.30
CA GLY A 9 31.17 -10.17 13.99
C GLY A 9 30.91 -11.17 15.10
N GLN A 10 29.77 -11.83 15.06
CA GLN A 10 29.36 -12.78 16.10
C GLN A 10 28.94 -12.08 17.39
N VAL A 11 28.31 -10.93 17.21
CA VAL A 11 27.76 -10.14 18.29
C VAL A 11 26.27 -10.44 18.37
N PRO A 12 25.72 -10.51 19.59
CA PRO A 12 24.29 -10.88 19.68
C PRO A 12 23.41 -9.75 19.18
N ARG A 13 22.29 -10.08 18.55
CA ARG A 13 21.43 -9.04 17.99
C ARG A 13 20.85 -8.10 19.04
N THR A 14 20.92 -8.46 20.31
CA THR A 14 20.33 -7.61 21.34
C THR A 14 21.29 -6.51 21.80
N TRP A 15 22.57 -6.64 21.47
CA TRP A 15 23.56 -5.67 21.90
C TRP A 15 23.50 -4.35 21.13
N SER A 16 23.49 -3.23 21.86
CA SER A 16 23.50 -1.90 21.26
C SER A 16 24.91 -1.34 21.25
N GLU A 17 25.10 -0.24 20.53
CA GLU A 17 26.36 0.50 20.52
C GLU A 17 26.96 0.63 21.93
N LYS A 18 26.10 0.86 22.92
CA LYS A 18 26.57 1.12 24.28
C LYS A 18 27.15 -0.15 24.88
N ASP A 19 26.42 -1.25 24.74
CA ASP A 19 26.89 -2.52 25.26
C ASP A 19 28.26 -2.83 24.66
N LEU A 20 28.40 -2.59 23.36
CA LEU A 20 29.64 -2.88 22.67
C LEU A 20 30.76 -1.95 23.10
N ARG A 21 30.44 -0.68 23.31
CA ARG A 21 31.44 0.28 23.75
C ARG A 21 32.06 -0.13 25.09
N GLU A 22 31.24 -0.62 26.01
CA GLU A 22 31.77 -1.11 27.26
C GLU A 22 32.70 -2.29 27.00
N LEU A 23 32.40 -3.07 25.98
CA LEU A 23 33.24 -4.22 25.66
C LEU A 23 34.63 -3.77 25.20
N PHE A 24 34.66 -2.99 24.13
CA PHE A 24 35.93 -2.60 23.52
C PHE A 24 36.75 -1.61 24.32
N GLU A 25 36.11 -0.81 25.17
CA GLU A 25 36.86 0.20 25.91
C GLU A 25 37.84 -0.36 26.92
N GLN A 26 37.73 -1.64 27.25
CA GLN A 26 38.72 -2.30 28.11
C GLN A 26 40.10 -2.31 27.45
N TYR A 27 40.15 -1.92 26.17
CA TYR A 27 41.35 -2.07 25.37
C TYR A 27 41.94 -0.73 24.96
N GLY A 28 41.10 0.31 24.94
CA GLY A 28 41.53 1.64 24.58
C GLY A 28 40.37 2.54 24.22
N ALA A 29 40.61 3.83 24.11
CA ALA A 29 39.57 4.76 23.72
C ALA A 29 38.93 4.30 22.42
N VAL A 30 37.63 4.57 22.28
CA VAL A 30 36.87 4.18 21.10
C VAL A 30 36.23 5.40 20.48
N TYR A 31 36.54 5.64 19.21
CA TYR A 31 36.12 6.85 18.54
C TYR A 31 34.69 6.79 18.02
N GLU A 32 34.27 5.61 17.60
CA GLU A 32 32.95 5.44 16.99
C GLU A 32 32.59 3.97 16.86
N ILE A 33 31.36 3.61 17.25
CA ILE A 33 30.83 2.26 17.04
C ILE A 33 29.62 2.31 16.13
N ASN A 34 29.61 1.53 15.06
CA ASN A 34 28.41 1.39 14.25
C ASN A 34 27.93 -0.05 14.21
N VAL A 35 26.81 -0.33 14.87
CA VAL A 35 26.13 -1.59 14.67
C VAL A 35 25.50 -1.63 13.28
N LEU A 36 25.76 -2.69 12.53
CA LEU A 36 25.16 -2.84 11.22
C LEU A 36 23.72 -3.34 11.37
N ARG A 37 22.76 -2.59 10.81
CA ARG A 37 21.35 -2.94 10.96
C ARG A 37 20.58 -3.13 9.65
N ASP A 38 19.57 -4.00 9.70
CA ASP A 38 18.63 -4.19 8.59
C ASP A 38 17.49 -3.20 8.77
N ARG A 39 17.54 -2.11 8.01
CA ARG A 39 16.62 -0.98 8.21
C ARG A 39 15.18 -1.34 7.85
N SER A 40 14.98 -2.53 7.32
CA SER A 40 13.65 -3.00 6.95
C SER A 40 12.83 -3.51 8.15
N GLN A 41 13.43 -3.55 9.33
CA GLN A 41 12.71 -4.04 10.52
C GLN A 41 12.29 -2.86 11.38
N ASN A 42 11.31 -3.10 12.24
CA ASN A 42 10.91 -2.08 13.20
C ASN A 42 11.07 -2.58 14.61
N PRO A 43 12.06 -2.05 15.34
CA PRO A 43 13.09 -1.17 14.78
C PRO A 43 14.08 -1.99 13.94
N PRO A 44 15.03 -1.31 13.28
CA PRO A 44 16.02 -2.06 12.49
C PRO A 44 16.78 -3.07 13.37
N GLN A 45 16.88 -4.31 12.91
CA GLN A 45 17.60 -5.34 13.64
C GLN A 45 19.11 -5.20 13.46
N SER A 46 19.85 -5.62 14.48
CA SER A 46 21.28 -5.83 14.34
C SER A 46 21.53 -6.99 13.38
N LYS A 47 22.58 -6.88 12.60
CA LYS A 47 22.94 -7.95 11.70
C LYS A 47 23.96 -8.83 12.39
N GLY A 48 24.13 -8.63 13.70
CA GLY A 48 25.06 -9.43 14.48
C GLY A 48 26.53 -9.09 14.27
N CYS A 49 26.82 -7.85 13.90
CA CYS A 49 28.19 -7.44 13.66
C CYS A 49 28.22 -5.94 13.75
N CYS A 50 29.43 -5.36 13.82
CA CYS A 50 29.55 -3.91 13.94
C CYS A 50 30.87 -3.38 13.39
N PHE A 51 30.99 -2.06 13.32
CA PHE A 51 32.26 -1.45 13.00
C PHE A 51 32.73 -0.68 14.20
N VAL A 52 34.00 -0.84 14.56
CA VAL A 52 34.56 -0.06 15.66
C VAL A 52 35.93 0.52 15.32
N THR A 53 36.04 1.83 15.54
CA THR A 53 37.29 2.55 15.30
C THR A 53 37.93 2.95 16.61
N PHE A 54 39.18 2.56 16.82
CA PHE A 54 39.92 3.04 17.98
C PHE A 54 40.74 4.24 17.58
N TYR A 55 41.11 5.04 18.58
CA TYR A 55 42.00 6.17 18.36
C TYR A 55 43.42 5.72 18.03
N THR A 56 43.80 4.52 18.43
CA THR A 56 45.14 4.01 18.16
C THR A 56 45.18 2.58 17.62
N ARG A 57 46.22 2.26 16.86
CA ARG A 57 46.35 0.93 16.29
C ARG A 57 46.76 -0.05 17.38
N LYS A 58 47.43 0.48 18.39
CA LYS A 58 47.79 -0.33 19.54
C LYS A 58 46.52 -0.93 20.17
N ALA A 59 45.53 -0.08 20.43
CA ALA A 59 44.33 -0.52 21.11
C ALA A 59 43.61 -1.57 20.27
N ALA A 60 43.52 -1.30 18.98
CA ALA A 60 42.82 -2.18 18.05
C ALA A 60 43.44 -3.57 17.98
N LEU A 61 44.77 -3.62 17.96
CA LEU A 61 45.49 -4.88 18.03
C LEU A 61 45.24 -5.57 19.36
N GLU A 62 45.44 -4.83 20.44
CA GLU A 62 45.26 -5.43 21.75
C GLU A 62 43.90 -6.12 21.82
N ALA A 63 42.89 -5.46 21.28
CA ALA A 63 41.52 -5.96 21.27
C ALA A 63 41.40 -7.20 20.38
N GLN A 64 41.91 -7.10 19.16
CA GLN A 64 41.88 -8.21 18.21
C GLN A 64 42.52 -9.45 18.81
N ASN A 65 43.69 -9.27 19.40
CA ASN A 65 44.36 -10.37 20.09
C ASN A 65 43.43 -10.96 21.13
N ALA A 66 42.92 -10.10 22.00
CA ALA A 66 42.14 -10.54 23.15
C ALA A 66 40.80 -11.18 22.81
N LEU A 67 40.25 -10.87 21.64
CA LEU A 67 38.87 -11.25 21.32
C LEU A 67 38.72 -12.23 20.18
N HIS A 68 39.34 -11.93 19.04
CA HIS A 68 39.19 -12.74 17.83
C HIS A 68 39.45 -14.22 18.09
N ASN A 69 38.42 -15.03 17.88
CA ASN A 69 38.48 -16.47 18.16
C ASN A 69 38.75 -16.82 19.62
N MET A 70 38.72 -15.81 20.48
CA MET A 70 39.09 -15.97 21.89
C MET A 70 37.88 -15.97 22.82
N LYS A 71 36.91 -15.12 22.50
CA LYS A 71 35.76 -14.91 23.37
C LYS A 71 34.44 -15.15 22.65
N VAL A 72 33.53 -15.83 23.34
CA VAL A 72 32.21 -16.12 22.81
C VAL A 72 31.16 -15.37 23.60
N LEU A 73 30.42 -14.50 22.92
CA LEU A 73 29.42 -13.65 23.56
C LEU A 73 28.17 -14.43 23.98
N PRO A 74 27.48 -13.97 25.02
CA PRO A 74 26.37 -14.77 25.57
C PRO A 74 25.41 -15.15 24.48
N GLY A 75 25.09 -16.44 24.41
CA GLY A 75 24.08 -16.94 23.49
C GLY A 75 24.58 -17.16 22.08
N MET A 76 25.83 -16.76 21.80
CA MET A 76 26.38 -16.93 20.47
C MET A 76 26.87 -18.36 20.29
N HIS A 77 27.16 -18.75 19.06
CA HIS A 77 27.61 -20.11 18.77
C HIS A 77 29.00 -20.15 18.14
N HIS A 78 29.61 -18.99 17.96
CA HIS A 78 30.97 -18.88 17.44
C HIS A 78 31.68 -17.71 18.13
N PRO A 79 33.02 -17.74 18.16
CA PRO A 79 33.73 -16.65 18.85
C PRO A 79 33.74 -15.38 18.02
N ILE A 80 33.91 -14.23 18.66
CA ILE A 80 34.00 -12.97 17.95
C ILE A 80 34.92 -13.12 16.74
N GLN A 81 34.48 -12.59 15.61
CA GLN A 81 35.38 -12.37 14.48
C GLN A 81 35.75 -10.90 14.42
N MET A 82 37.04 -10.61 14.47
CA MET A 82 37.45 -9.22 14.47
C MET A 82 38.69 -9.02 13.63
N LYS A 83 38.61 -8.06 12.71
CA LYS A 83 39.73 -7.79 11.81
C LYS A 83 39.55 -6.45 11.10
N PRO A 84 40.63 -5.92 10.52
CA PRO A 84 40.53 -4.66 9.78
C PRO A 84 39.39 -4.73 8.79
N ALA A 85 38.50 -3.74 8.85
CA ALA A 85 37.34 -3.69 7.97
C ALA A 85 37.79 -3.45 6.54
N ASP A 86 37.05 -4.04 5.60
CA ASP A 86 37.38 -3.95 4.18
C ASP A 86 37.48 -2.50 3.67
N SER A 87 36.47 -1.69 4.01
CA SER A 87 36.38 -0.29 3.55
C SER A 87 37.58 0.18 2.72
N ASP B 2 -7.99 -0.25 -13.70
CA ASP B 2 -8.29 -0.60 -12.32
C ASP B 2 -7.06 -0.48 -11.39
N ALA B 3 -7.30 -0.47 -10.08
CA ALA B 3 -6.30 -0.17 -9.05
C ALA B 3 -4.95 -0.91 -9.18
N ILE B 4 -3.87 -0.15 -9.33
CA ILE B 4 -2.52 -0.73 -9.27
C ILE B 4 -1.67 -0.09 -8.17
N LYS B 5 -1.09 -0.93 -7.31
CA LYS B 5 -0.34 -0.45 -6.13
C LYS B 5 1.16 -0.31 -6.43
N MET B 6 1.71 0.88 -6.18
CA MET B 6 3.11 1.15 -6.48
C MET B 6 3.93 1.35 -5.22
N PHE B 7 5.08 0.71 -5.16
CA PHE B 7 6.04 1.01 -4.11
C PHE B 7 6.86 2.22 -4.52
N VAL B 8 7.10 3.12 -3.57
CA VAL B 8 7.91 4.32 -3.86
C VAL B 8 8.93 4.54 -2.76
N GLY B 9 10.21 4.59 -3.15
CA GLY B 9 11.30 4.72 -2.21
C GLY B 9 12.05 6.00 -2.42
N GLN B 10 13.02 6.28 -1.56
CA GLN B 10 13.82 7.51 -1.65
C GLN B 10 12.99 8.76 -1.45
N VAL B 11 12.20 8.76 -0.39
CA VAL B 11 11.33 9.89 -0.04
C VAL B 11 11.74 10.47 1.32
N PRO B 12 11.80 11.81 1.43
CA PRO B 12 12.26 12.47 2.66
C PRO B 12 11.39 12.12 3.86
N ARG B 13 12.00 11.97 5.03
CA ARG B 13 11.27 11.50 6.21
C ARG B 13 10.31 12.54 6.78
N THR B 14 10.37 13.76 6.25
CA THR B 14 9.50 14.82 6.70
C THR B 14 8.21 14.85 5.90
N TRP B 15 8.24 14.28 4.70
CA TRP B 15 7.04 14.20 3.88
C TRP B 15 5.98 13.27 4.47
N SER B 16 4.74 13.74 4.46
CA SER B 16 3.62 12.99 4.95
C SER B 16 2.76 12.50 3.79
N GLU B 17 1.72 11.74 4.09
CA GLU B 17 0.77 11.30 3.09
C GLU B 17 0.34 12.45 2.20
N LYS B 18 0.02 13.59 2.82
CA LYS B 18 -0.55 14.72 2.08
C LYS B 18 0.44 15.37 1.11
N ASP B 19 1.70 15.42 1.49
CA ASP B 19 2.75 15.94 0.62
C ASP B 19 2.94 15.00 -0.57
N LEU B 20 2.80 13.71 -0.29
CA LEU B 20 2.98 12.70 -1.31
C LEU B 20 1.82 12.70 -2.28
N ARG B 21 0.61 12.80 -1.74
CA ARG B 21 -0.59 12.89 -2.55
C ARG B 21 -0.55 14.10 -3.48
N GLU B 22 0.12 15.16 -3.04
CA GLU B 22 0.22 16.38 -3.82
C GLU B 22 1.07 16.05 -5.02
N LEU B 23 2.08 15.23 -4.79
CA LEU B 23 3.02 14.85 -5.82
C LEU B 23 2.40 13.89 -6.86
N PHE B 24 1.73 12.84 -6.40
CA PHE B 24 1.21 11.83 -7.32
C PHE B 24 -0.07 12.26 -8.00
N GLU B 25 -0.87 13.10 -7.34
CA GLU B 25 -2.16 13.52 -7.87
C GLU B 25 -2.06 14.29 -9.18
N GLN B 26 -0.86 14.76 -9.51
CA GLN B 26 -0.64 15.42 -10.80
C GLN B 26 -0.88 14.48 -11.95
N TYR B 27 -0.67 13.18 -11.70
CA TYR B 27 -0.71 12.15 -12.75
C TYR B 27 -2.03 11.43 -12.82
N GLY B 28 -2.90 11.71 -11.85
CA GLY B 28 -4.17 11.01 -11.79
C GLY B 28 -4.65 10.83 -10.37
N ALA B 29 -5.92 10.44 -10.26
CA ALA B 29 -6.55 10.26 -8.95
C ALA B 29 -5.84 9.17 -8.16
N VAL B 30 -5.57 9.45 -6.88
CA VAL B 30 -4.87 8.53 -6.00
C VAL B 30 -5.85 8.02 -4.98
N TYR B 31 -5.95 6.69 -4.88
CA TYR B 31 -6.90 6.05 -4.00
C TYR B 31 -6.40 6.04 -2.57
N GLU B 32 -5.13 5.67 -2.38
CA GLU B 32 -4.57 5.61 -1.04
C GLU B 32 -3.06 5.84 -1.04
N ILE B 33 -2.55 6.40 0.05
CA ILE B 33 -1.13 6.49 0.28
C ILE B 33 -0.83 6.03 1.68
N ASN B 34 0.10 5.08 1.82
CA ASN B 34 0.58 4.66 3.12
C ASN B 34 2.05 4.96 3.24
N VAL B 35 2.40 5.90 4.09
CA VAL B 35 3.81 6.06 4.45
C VAL B 35 4.19 4.95 5.42
N LEU B 36 5.18 4.14 5.06
CA LEU B 36 5.69 3.11 5.94
C LEU B 36 6.42 3.74 7.12
N ARG B 37 5.92 3.45 8.33
CA ARG B 37 6.42 4.06 9.56
C ARG B 37 6.97 3.05 10.57
N ASP B 38 7.96 3.48 11.33
CA ASP B 38 8.55 2.69 12.41
C ASP B 38 7.76 2.97 13.67
N ARG B 39 6.70 2.21 13.89
CA ARG B 39 5.73 2.49 14.95
C ARG B 39 6.30 2.24 16.34
N SER B 40 7.42 1.51 16.39
CA SER B 40 8.17 1.33 17.63
C SER B 40 8.70 2.69 18.12
N GLN B 41 8.92 3.61 17.19
CA GLN B 41 9.39 4.96 17.54
C GLN B 41 8.27 5.76 18.17
N ASN B 42 8.62 6.89 18.76
CA ASN B 42 7.62 7.87 19.19
C ASN B 42 8.12 9.30 19.10
N PRO B 43 7.51 10.10 18.20
CA PRO B 43 6.43 9.66 17.31
C PRO B 43 6.89 8.53 16.39
N PRO B 44 5.95 7.74 15.86
CA PRO B 44 6.35 6.78 14.82
C PRO B 44 7.12 7.54 13.75
N GLN B 45 8.19 6.94 13.24
CA GLN B 45 9.07 7.64 12.31
C GLN B 45 8.93 7.07 10.90
N SER B 46 9.00 7.95 9.90
CA SER B 46 8.89 7.53 8.50
C SER B 46 10.13 6.77 8.03
N LYS B 47 9.91 5.73 7.24
CA LYS B 47 10.96 4.90 6.68
C LYS B 47 11.41 5.36 5.33
N GLY B 48 10.87 6.47 4.84
CA GLY B 48 11.34 7.09 3.62
C GLY B 48 10.88 6.42 2.34
N CYS B 49 9.80 5.67 2.44
CA CYS B 49 9.20 5.08 1.26
C CYS B 49 7.71 4.96 1.55
N CYS B 50 6.93 4.52 0.57
CA CYS B 50 5.50 4.45 0.77
C CYS B 50 4.85 3.57 -0.28
N PHE B 51 3.58 3.28 -0.06
CA PHE B 51 2.80 2.64 -1.09
C PHE B 51 1.78 3.64 -1.56
N VAL B 52 1.58 3.70 -2.86
CA VAL B 52 0.59 4.60 -3.43
C VAL B 52 -0.26 3.80 -4.41
N THR B 53 -1.58 3.93 -4.29
CA THR B 53 -2.50 3.21 -5.16
C THR B 53 -3.29 4.14 -6.07
N PHE B 54 -3.12 3.96 -7.38
CA PHE B 54 -3.86 4.73 -8.37
C PHE B 54 -5.15 4.03 -8.76
N TYR B 55 -6.12 4.79 -9.23
CA TYR B 55 -7.40 4.20 -9.62
C TYR B 55 -7.30 3.55 -10.98
N THR B 56 -6.33 4.00 -11.78
CA THR B 56 -6.15 3.51 -13.14
C THR B 56 -4.67 3.22 -13.40
N ARG B 57 -4.39 2.18 -14.18
CA ARG B 57 -3.00 1.89 -14.51
C ARG B 57 -2.34 2.93 -15.43
N LYS B 58 -3.12 3.66 -16.22
CA LYS B 58 -2.52 4.69 -17.06
C LYS B 58 -1.85 5.78 -16.20
N ALA B 59 -2.45 6.12 -15.08
CA ALA B 59 -1.86 7.13 -14.21
C ALA B 59 -0.61 6.60 -13.53
N ALA B 60 -0.66 5.34 -13.09
CA ALA B 60 0.48 4.73 -12.41
C ALA B 60 1.69 4.60 -13.33
N LEU B 61 1.45 4.24 -14.58
CA LEU B 61 2.57 4.10 -15.53
C LEU B 61 3.12 5.46 -15.93
N GLU B 62 2.26 6.46 -15.99
CA GLU B 62 2.74 7.81 -16.30
C GLU B 62 3.54 8.36 -15.12
N ALA B 63 3.09 8.08 -13.90
CA ALA B 63 3.80 8.53 -12.72
C ALA B 63 5.14 7.83 -12.66
N GLN B 64 5.11 6.52 -12.85
CA GLN B 64 6.31 5.71 -12.84
C GLN B 64 7.35 6.20 -13.85
N ASN B 65 6.91 6.36 -15.11
CA ASN B 65 7.77 6.85 -16.19
C ASN B 65 8.39 8.20 -15.88
N ALA B 66 7.61 9.05 -15.21
CA ALA B 66 8.04 10.42 -14.94
C ALA B 66 8.85 10.54 -13.68
N LEU B 67 8.82 9.51 -12.83
CA LEU B 67 9.43 9.65 -11.50
C LEU B 67 10.57 8.66 -11.23
N HIS B 68 10.32 7.38 -11.44
CA HIS B 68 11.35 6.38 -11.19
C HIS B 68 12.66 6.77 -11.87
N ASN B 69 13.68 7.03 -11.05
CA ASN B 69 15.01 7.31 -11.55
C ASN B 69 15.12 8.63 -12.29
N MET B 70 14.07 9.45 -12.20
CA MET B 70 14.03 10.69 -12.94
C MET B 70 14.14 11.86 -11.99
N LYS B 71 13.29 11.85 -10.98
CA LYS B 71 13.25 12.95 -10.03
C LYS B 71 13.94 12.58 -8.74
N VAL B 72 14.79 13.48 -8.24
CA VAL B 72 15.37 13.36 -6.91
C VAL B 72 14.65 14.33 -5.95
N LEU B 73 13.85 13.79 -5.03
CA LEU B 73 13.15 14.63 -4.06
C LEU B 73 14.14 15.46 -3.24
N PRO B 74 13.68 16.59 -2.68
CA PRO B 74 14.62 17.53 -2.05
C PRO B 74 15.31 16.91 -0.86
N GLY B 75 16.62 17.06 -0.78
CA GLY B 75 17.38 16.51 0.33
C GLY B 75 17.89 15.10 0.15
N MET B 76 17.44 14.40 -0.89
CA MET B 76 17.80 12.99 -1.09
C MET B 76 19.11 12.81 -1.86
N HIS B 77 19.72 11.65 -1.69
CA HIS B 77 20.97 11.33 -2.37
C HIS B 77 20.75 10.36 -3.53
N HIS B 78 19.49 10.05 -3.82
CA HIS B 78 19.12 9.15 -4.91
C HIS B 78 17.76 9.52 -5.52
N PRO B 79 17.53 9.12 -6.78
CA PRO B 79 16.26 9.32 -7.46
C PRO B 79 15.17 8.37 -6.94
N ILE B 80 13.94 8.87 -6.89
CA ILE B 80 12.79 8.06 -6.52
C ILE B 80 12.81 6.67 -7.17
N GLN B 81 12.56 5.65 -6.36
CA GLN B 81 12.34 4.32 -6.89
C GLN B 81 10.83 4.02 -6.90
N MET B 82 10.28 3.78 -8.08
CA MET B 82 8.85 3.49 -8.19
C MET B 82 8.59 2.28 -9.06
N LYS B 83 8.13 1.19 -8.47
CA LYS B 83 7.69 0.07 -9.28
C LYS B 83 6.46 -0.53 -8.66
N PRO B 84 5.69 -1.30 -9.44
CA PRO B 84 4.53 -1.98 -8.88
C PRO B 84 4.92 -2.76 -7.63
N ALA B 85 4.14 -2.60 -6.56
CA ALA B 85 4.43 -3.25 -5.29
C ALA B 85 4.36 -4.78 -5.39
N ASP B 86 5.15 -5.48 -4.58
CA ASP B 86 5.17 -6.94 -4.57
C ASP B 86 3.78 -7.54 -4.33
N ASP D 2 -17.56 25.99 -30.07
CA ASP D 2 -19.02 26.09 -29.91
C ASP D 2 -19.45 25.68 -28.50
N ALA D 3 -20.76 25.48 -28.31
CA ALA D 3 -21.27 24.94 -27.06
C ALA D 3 -21.46 23.43 -27.19
N ILE D 4 -20.83 22.68 -26.29
CA ILE D 4 -20.75 21.24 -26.40
C ILE D 4 -21.14 20.57 -25.09
N LYS D 5 -22.00 19.57 -25.18
CA LYS D 5 -22.51 18.86 -24.02
C LYS D 5 -21.47 17.84 -23.55
N MET D 6 -21.45 17.55 -22.25
CA MET D 6 -20.51 16.58 -21.70
C MET D 6 -21.23 15.60 -20.76
N PHE D 7 -20.94 14.31 -20.91
CA PHE D 7 -21.43 13.37 -19.92
C PHE D 7 -20.48 13.40 -18.74
N VAL D 8 -21.05 13.35 -17.54
CA VAL D 8 -20.26 13.28 -16.32
C VAL D 8 -20.85 12.22 -15.40
N GLY D 9 -20.03 11.26 -15.01
CA GLY D 9 -20.50 10.18 -14.16
C GLY D 9 -19.67 10.00 -12.91
N GLN D 10 -20.06 9.09 -12.05
CA GLN D 10 -19.39 8.91 -10.78
C GLN D 10 -19.58 10.17 -9.94
N VAL D 11 -20.85 10.57 -9.86
CA VAL D 11 -21.26 11.71 -9.05
C VAL D 11 -22.16 11.21 -7.94
N PRO D 12 -21.97 11.73 -6.72
CA PRO D 12 -22.79 11.32 -5.58
C PRO D 12 -24.28 11.56 -5.85
N ARG D 13 -25.12 10.73 -5.26
CA ARG D 13 -26.54 10.83 -5.55
C ARG D 13 -27.20 11.97 -4.77
N THR D 14 -26.48 12.51 -3.79
CA THR D 14 -27.02 13.58 -2.96
C THR D 14 -26.74 14.97 -3.54
N TRP D 15 -25.97 15.01 -4.63
CA TRP D 15 -25.62 16.26 -5.30
C TRP D 15 -26.67 16.71 -6.29
N SER D 16 -27.09 17.97 -6.14
CA SER D 16 -28.11 18.55 -7.00
C SER D 16 -27.43 19.32 -8.11
N GLU D 17 -28.23 19.89 -9.00
CA GLU D 17 -27.73 20.71 -10.09
C GLU D 17 -26.85 21.83 -9.57
N LYS D 18 -27.18 22.30 -8.38
CA LYS D 18 -26.51 23.44 -7.79
C LYS D 18 -25.14 23.08 -7.22
N ASP D 19 -25.06 21.94 -6.54
CA ASP D 19 -23.78 21.42 -6.09
C ASP D 19 -22.88 21.17 -7.29
N LEU D 20 -23.45 20.61 -8.35
CA LEU D 20 -22.69 20.30 -9.56
C LEU D 20 -22.22 21.56 -10.28
N ARG D 21 -23.09 22.56 -10.32
CA ARG D 21 -22.75 23.83 -10.96
C ARG D 21 -21.54 24.45 -10.30
N GLU D 22 -21.54 24.43 -8.97
CA GLU D 22 -20.46 24.95 -8.15
C GLU D 22 -19.15 24.30 -8.53
N LEU D 23 -19.18 22.99 -8.78
CA LEU D 23 -18.00 22.27 -9.19
C LEU D 23 -17.53 22.75 -10.57
N PHE D 24 -18.40 22.70 -11.56
CA PHE D 24 -18.01 22.98 -12.93
C PHE D 24 -17.74 24.45 -13.20
N GLU D 25 -18.45 25.34 -12.52
CA GLU D 25 -18.26 26.77 -12.80
C GLU D 25 -16.85 27.29 -12.54
N GLN D 26 -16.05 26.51 -11.81
CA GLN D 26 -14.66 26.88 -11.59
C GLN D 26 -13.78 26.60 -12.79
N TYR D 27 -14.37 26.13 -13.88
CA TYR D 27 -13.62 25.94 -15.11
C TYR D 27 -14.10 26.92 -16.18
N GLY D 28 -15.29 27.47 -15.97
CA GLY D 28 -15.87 28.36 -16.95
C GLY D 28 -17.36 28.43 -16.79
N ALA D 29 -17.98 29.44 -17.37
CA ALA D 29 -19.42 29.61 -17.26
C ALA D 29 -20.10 28.35 -17.79
N VAL D 30 -21.18 27.94 -17.12
CA VAL D 30 -21.89 26.74 -17.47
C VAL D 30 -23.24 27.14 -18.02
N TYR D 31 -23.58 26.66 -19.21
CA TYR D 31 -24.86 27.00 -19.80
C TYR D 31 -26.02 26.21 -19.17
N GLU D 32 -25.85 24.90 -19.02
CA GLU D 32 -26.94 24.07 -18.50
C GLU D 32 -26.44 22.78 -17.85
N ILE D 33 -27.05 22.41 -16.73
CA ILE D 33 -26.72 21.15 -16.06
C ILE D 33 -27.95 20.26 -15.86
N ASN D 34 -27.91 19.05 -16.42
CA ASN D 34 -29.06 18.18 -16.43
C ASN D 34 -28.74 16.89 -15.68
N VAL D 35 -29.11 16.83 -14.40
CA VAL D 35 -28.90 15.61 -13.65
C VAL D 35 -29.82 14.51 -14.14
N LEU D 36 -29.25 13.39 -14.54
CA LEU D 36 -30.05 12.23 -14.95
C LEU D 36 -30.69 11.59 -13.71
N ARG D 37 -32.02 11.46 -13.72
CA ARG D 37 -32.73 10.93 -12.57
C ARG D 37 -33.56 9.70 -12.92
N ASP D 38 -33.68 8.78 -11.96
CA ASP D 38 -34.48 7.57 -12.11
C ASP D 38 -35.88 7.85 -11.59
N ARG D 39 -36.85 7.95 -12.50
CA ARG D 39 -38.20 8.36 -12.15
C ARG D 39 -39.09 7.25 -11.59
N SER D 40 -38.52 6.05 -11.44
CA SER D 40 -39.21 4.96 -10.76
C SER D 40 -39.17 5.21 -9.25
N GLN D 41 -38.31 6.15 -8.85
CA GLN D 41 -38.20 6.57 -7.47
C GLN D 41 -39.15 7.70 -7.20
N ASN D 42 -39.27 8.05 -5.92
CA ASN D 42 -40.09 9.18 -5.54
C ASN D 42 -39.47 10.00 -4.40
N PRO D 43 -39.06 11.24 -4.70
CA PRO D 43 -39.16 11.77 -6.07
C PRO D 43 -38.09 11.12 -6.93
N PRO D 44 -38.02 11.48 -8.21
CA PRO D 44 -36.96 10.93 -9.06
C PRO D 44 -35.60 11.13 -8.40
N GLN D 45 -34.84 10.04 -8.25
CA GLN D 45 -33.56 10.13 -7.56
C GLN D 45 -32.39 9.97 -8.53
N SER D 46 -31.26 10.55 -8.18
CA SER D 46 -30.11 10.67 -9.08
C SER D 46 -29.56 9.33 -9.59
N LYS D 47 -29.35 9.24 -10.90
CA LYS D 47 -28.62 8.12 -11.47
C LYS D 47 -27.10 8.33 -11.36
N GLY D 48 -26.70 9.27 -10.51
CA GLY D 48 -25.29 9.49 -10.19
C GLY D 48 -24.44 9.94 -11.36
N CYS D 49 -25.04 10.71 -12.26
CA CYS D 49 -24.35 11.26 -13.41
C CYS D 49 -25.18 12.40 -13.99
N CYS D 50 -24.71 13.03 -15.08
CA CYS D 50 -25.44 14.17 -15.59
C CYS D 50 -24.91 14.71 -16.92
N PHE D 51 -25.67 15.60 -17.51
CA PHE D 51 -25.22 16.32 -18.68
C PHE D 51 -24.86 17.74 -18.29
N VAL D 52 -23.72 18.21 -18.79
CA VAL D 52 -23.29 19.56 -18.52
C VAL D 52 -22.84 20.21 -19.81
N THR D 53 -23.33 21.41 -20.07
CA THR D 53 -22.98 22.13 -21.29
C THR D 53 -22.29 23.45 -20.96
N PHE D 54 -21.12 23.66 -21.55
CA PHE D 54 -20.41 24.92 -21.31
C PHE D 54 -20.70 25.92 -22.41
N TYR D 55 -20.46 27.19 -22.11
CA TYR D 55 -20.57 28.21 -23.15
C TYR D 55 -19.42 28.06 -24.17
N THR D 56 -18.23 27.72 -23.69
CA THR D 56 -17.07 27.58 -24.57
C THR D 56 -16.45 26.18 -24.53
N ARG D 57 -16.16 25.64 -25.71
CA ARG D 57 -15.45 24.37 -25.83
C ARG D 57 -14.17 24.45 -25.03
N LYS D 58 -13.55 25.63 -25.03
CA LYS D 58 -12.33 25.82 -24.25
C LYS D 58 -12.58 25.38 -22.82
N ALA D 59 -13.58 25.97 -22.17
CA ALA D 59 -13.92 25.60 -20.81
C ALA D 59 -14.23 24.11 -20.72
N ALA D 60 -15.00 23.61 -21.68
CA ALA D 60 -15.35 22.21 -21.66
C ALA D 60 -14.10 21.32 -21.63
N LEU D 61 -13.08 21.67 -22.40
CA LEU D 61 -11.88 20.83 -22.48
C LEU D 61 -11.12 20.85 -21.16
N GLU D 62 -10.78 22.05 -20.72
CA GLU D 62 -10.09 22.24 -19.45
C GLU D 62 -10.81 21.61 -18.27
N ALA D 63 -12.14 21.54 -18.33
CA ALA D 63 -12.90 20.83 -17.31
C ALA D 63 -12.63 19.35 -17.43
N GLN D 64 -12.75 18.82 -18.65
CA GLN D 64 -12.47 17.41 -18.89
C GLN D 64 -11.05 17.08 -18.44
N ASN D 65 -10.10 17.91 -18.84
CA ASN D 65 -8.72 17.65 -18.51
C ASN D 65 -8.46 17.62 -17.01
N ALA D 66 -9.12 18.51 -16.28
CA ALA D 66 -8.84 18.67 -14.87
C ALA D 66 -9.61 17.66 -14.04
N LEU D 67 -10.63 17.05 -14.63
CA LEU D 67 -11.53 16.20 -13.86
C LEU D 67 -11.48 14.72 -14.25
N HIS D 68 -11.43 14.44 -15.54
CA HIS D 68 -11.57 13.05 -15.96
C HIS D 68 -10.46 12.14 -15.41
N ASN D 69 -10.82 11.19 -14.56
CA ASN D 69 -9.84 10.33 -13.89
C ASN D 69 -8.83 11.09 -13.02
N MET D 70 -9.15 12.32 -12.66
CA MET D 70 -8.27 13.13 -11.83
C MET D 70 -8.86 13.35 -10.43
N LYS D 71 -10.18 13.49 -10.38
CA LYS D 71 -10.82 13.89 -9.15
C LYS D 71 -11.88 12.88 -8.76
N VAL D 72 -11.94 12.59 -7.46
CA VAL D 72 -12.92 11.68 -6.91
C VAL D 72 -13.78 12.43 -5.90
N LEU D 73 -15.07 12.53 -6.21
CA LEU D 73 -16.01 13.19 -5.32
C LEU D 73 -16.24 12.33 -4.09
N PRO D 74 -16.70 12.95 -2.99
CA PRO D 74 -16.81 12.28 -1.70
C PRO D 74 -17.75 11.07 -1.70
N GLY D 75 -17.26 9.97 -1.14
CA GLY D 75 -18.03 8.75 -1.05
C GLY D 75 -17.92 7.88 -2.28
N MET D 76 -17.45 8.46 -3.37
CA MET D 76 -17.36 7.74 -4.64
C MET D 76 -16.24 6.70 -4.67
N HIS D 77 -16.40 5.73 -5.54
CA HIS D 77 -15.46 4.62 -5.64
C HIS D 77 -14.61 4.71 -6.91
N HIS D 78 -14.88 5.72 -7.73
CA HIS D 78 -14.14 5.94 -8.98
C HIS D 78 -14.01 7.42 -9.24
N PRO D 79 -12.91 7.83 -9.89
CA PRO D 79 -12.80 9.24 -10.27
C PRO D 79 -13.94 9.63 -11.21
N ILE D 80 -14.19 10.93 -11.32
CA ILE D 80 -15.14 11.42 -12.28
C ILE D 80 -14.84 10.88 -13.67
N GLN D 81 -15.90 10.58 -14.42
CA GLN D 81 -15.80 10.21 -15.82
C GLN D 81 -16.35 11.35 -16.66
N MET D 82 -15.57 11.87 -17.59
CA MET D 82 -16.05 13.01 -18.36
C MET D 82 -15.59 12.98 -19.82
N LYS D 83 -16.55 13.16 -20.72
CA LYS D 83 -16.28 13.17 -22.15
C LYS D 83 -17.56 13.57 -22.88
N PRO D 84 -17.44 14.01 -24.15
CA PRO D 84 -18.61 14.41 -24.95
C PRO D 84 -19.75 13.40 -24.94
N ALA D 85 -20.97 13.92 -24.86
CA ALA D 85 -22.16 13.10 -24.65
C ALA D 85 -22.49 12.25 -25.87
N ASP D 86 -22.95 11.03 -25.62
CA ASP D 86 -23.40 10.13 -26.69
C ASP D 86 -24.27 10.86 -27.72
N SER D 87 -25.18 11.70 -27.23
CA SER D 87 -26.09 12.45 -28.10
C SER D 87 -25.33 13.24 -29.18
N ASP E 2 -33.39 -26.81 -5.42
CA ASP E 2 -33.13 -25.40 -5.17
C ASP E 2 -31.93 -25.20 -4.24
N ALA E 3 -31.07 -24.23 -4.61
CA ALA E 3 -29.88 -23.90 -3.84
C ALA E 3 -29.58 -22.40 -3.90
N ILE E 4 -28.60 -21.97 -3.12
CA ILE E 4 -28.30 -20.56 -2.94
C ILE E 4 -26.80 -20.27 -3.02
N LYS E 5 -26.45 -19.07 -3.49
CA LYS E 5 -25.07 -18.67 -3.63
C LYS E 5 -24.65 -17.80 -2.46
N MET E 6 -23.60 -18.21 -1.75
CA MET E 6 -23.13 -17.49 -0.59
C MET E 6 -21.92 -16.67 -0.94
N PHE E 7 -21.74 -15.56 -0.22
CA PHE E 7 -20.54 -14.77 -0.38
C PHE E 7 -19.63 -14.98 0.81
N VAL E 8 -18.34 -15.10 0.54
CA VAL E 8 -17.36 -15.40 1.56
C VAL E 8 -16.22 -14.42 1.40
N GLY E 9 -15.92 -13.68 2.46
CA GLY E 9 -14.88 -12.68 2.41
C GLY E 9 -13.86 -12.99 3.46
N GLN E 10 -12.71 -12.32 3.39
CA GLN E 10 -11.63 -12.50 4.35
C GLN E 10 -10.99 -13.87 4.17
N VAL E 11 -10.68 -14.17 2.92
CA VAL E 11 -9.92 -15.36 2.52
C VAL E 11 -8.50 -14.94 2.15
N PRO E 12 -7.48 -15.71 2.58
CA PRO E 12 -6.13 -15.36 2.16
C PRO E 12 -6.04 -15.29 0.63
N ARG E 13 -5.11 -14.49 0.11
CA ARG E 13 -5.01 -14.32 -1.33
C ARG E 13 -4.35 -15.50 -2.02
N THR E 14 -3.59 -16.29 -1.26
CA THR E 14 -2.92 -17.44 -1.86
C THR E 14 -3.84 -18.65 -2.01
N TRP E 15 -5.01 -18.61 -1.38
CA TRP E 15 -5.95 -19.74 -1.41
C TRP E 15 -6.68 -19.88 -2.73
N SER E 16 -6.69 -21.09 -3.27
CA SER E 16 -7.33 -21.35 -4.56
C SER E 16 -8.72 -21.95 -4.42
N GLU E 17 -9.32 -22.25 -5.56
CA GLU E 17 -10.60 -22.94 -5.60
C GLU E 17 -10.51 -24.23 -4.82
N LYS E 18 -9.39 -24.93 -4.97
CA LYS E 18 -9.21 -26.22 -4.33
C LYS E 18 -9.12 -26.10 -2.81
N ASP E 19 -8.52 -24.99 -2.35
CA ASP E 19 -8.30 -24.80 -0.93
C ASP E 19 -9.62 -24.52 -0.23
N LEU E 20 -10.46 -23.74 -0.90
CA LEU E 20 -11.77 -23.40 -0.39
C LEU E 20 -12.74 -24.58 -0.44
N ARG E 21 -12.63 -25.42 -1.46
CA ARG E 21 -13.51 -26.59 -1.54
C ARG E 21 -13.25 -27.53 -0.35
N GLU E 22 -11.98 -27.70 -0.01
CA GLU E 22 -11.63 -28.51 1.14
C GLU E 22 -12.31 -27.95 2.38
N LEU E 23 -12.40 -26.63 2.47
CA LEU E 23 -13.02 -25.98 3.60
C LEU E 23 -14.55 -26.13 3.64
N PHE E 24 -15.22 -25.85 2.53
CA PHE E 24 -16.68 -25.85 2.53
C PHE E 24 -17.26 -27.26 2.42
N GLU E 25 -16.52 -28.16 1.80
CA GLU E 25 -17.02 -29.52 1.64
C GLU E 25 -17.31 -30.19 2.97
N GLN E 26 -16.71 -29.70 4.05
CA GLN E 26 -16.95 -30.26 5.38
C GLN E 26 -18.42 -30.19 5.76
N TYR E 27 -19.12 -29.21 5.22
CA TYR E 27 -20.51 -28.92 5.58
C TYR E 27 -21.51 -29.42 4.57
N GLY E 28 -21.04 -29.87 3.42
CA GLY E 28 -21.93 -30.41 2.40
C GLY E 28 -21.40 -30.28 0.99
N ALA E 29 -22.02 -31.01 0.07
CA ALA E 29 -21.63 -30.98 -1.33
C ALA E 29 -21.66 -29.56 -1.91
N VAL E 30 -20.66 -29.25 -2.73
CA VAL E 30 -20.48 -27.91 -3.29
C VAL E 30 -20.59 -27.91 -4.82
N TYR E 31 -21.59 -27.22 -5.35
CA TYR E 31 -21.78 -27.18 -6.80
C TYR E 31 -20.70 -26.34 -7.47
N GLU E 32 -20.46 -25.14 -6.97
CA GLU E 32 -19.43 -24.31 -7.57
C GLU E 32 -18.79 -23.34 -6.59
N ILE E 33 -17.49 -23.15 -6.76
CA ILE E 33 -16.74 -22.15 -6.02
C ILE E 33 -16.06 -21.23 -7.02
N ASN E 34 -16.23 -19.92 -6.81
CA ASN E 34 -15.55 -18.95 -7.66
C ASN E 34 -14.74 -17.97 -6.84
N VAL E 35 -13.42 -18.04 -7.02
CA VAL E 35 -12.51 -17.08 -6.41
C VAL E 35 -12.55 -15.76 -7.18
N LEU E 36 -13.11 -14.74 -6.55
CA LEU E 36 -13.19 -13.43 -7.19
C LEU E 36 -11.78 -12.88 -7.40
N ARG E 37 -11.42 -12.68 -8.66
CA ARG E 37 -10.11 -12.17 -9.00
C ARG E 37 -10.19 -10.84 -9.74
N ASP E 38 -9.02 -10.26 -10.02
CA ASP E 38 -8.90 -9.05 -10.81
C ASP E 38 -8.03 -9.36 -12.02
N ARG E 39 -8.66 -9.62 -13.16
CA ARG E 39 -7.97 -10.12 -14.34
C ARG E 39 -7.16 -9.05 -15.07
N SER E 40 -6.92 -7.94 -14.40
CA SER E 40 -6.03 -6.91 -14.93
C SER E 40 -4.59 -7.39 -14.84
N GLN E 41 -4.09 -7.52 -13.62
CA GLN E 41 -2.72 -7.98 -13.38
C GLN E 41 -2.47 -9.35 -14.02
N ASN E 42 -1.21 -9.74 -14.05
CA ASN E 42 -0.82 -11.07 -14.51
C ASN E 42 0.08 -11.73 -13.47
N PRO E 43 -0.40 -12.83 -12.86
CA PRO E 43 -1.70 -13.44 -13.13
C PRO E 43 -2.80 -12.79 -12.31
N PRO E 44 -4.06 -12.93 -12.75
CA PRO E 44 -5.22 -12.34 -12.07
C PRO E 44 -5.20 -12.62 -10.57
N GLN E 45 -4.94 -11.58 -9.78
CA GLN E 45 -4.79 -11.71 -8.34
C GLN E 45 -6.13 -11.88 -7.61
N SER E 46 -6.12 -12.64 -6.51
CA SER E 46 -7.33 -12.88 -5.74
C SER E 46 -7.77 -11.65 -4.97
N LYS E 47 -9.08 -11.46 -4.87
CA LYS E 47 -9.63 -10.35 -4.11
C LYS E 47 -9.92 -10.73 -2.67
N GLY E 48 -9.51 -11.93 -2.27
CA GLY E 48 -9.65 -12.38 -0.89
C GLY E 48 -11.08 -12.70 -0.50
N CYS E 49 -11.86 -13.11 -1.49
CA CYS E 49 -13.23 -13.52 -1.27
C CYS E 49 -13.65 -14.40 -2.43
N CYS E 50 -14.84 -14.96 -2.35
CA CYS E 50 -15.30 -15.90 -3.37
C CYS E 50 -16.81 -16.05 -3.36
N PHE E 51 -17.34 -16.75 -4.35
CA PHE E 51 -18.72 -17.23 -4.25
C PHE E 51 -18.70 -18.74 -4.15
N VAL E 52 -19.52 -19.27 -3.26
CA VAL E 52 -19.64 -20.71 -3.09
C VAL E 52 -21.13 -21.07 -3.10
N THR E 53 -21.50 -22.01 -3.97
CA THR E 53 -22.88 -22.47 -4.11
C THR E 53 -23.03 -23.91 -3.65
N PHE E 54 -23.84 -24.14 -2.62
CA PHE E 54 -24.10 -25.49 -2.16
C PHE E 54 -25.24 -26.17 -2.94
N TYR E 55 -25.32 -27.49 -2.81
CA TYR E 55 -26.38 -28.22 -3.46
C TYR E 55 -27.69 -28.12 -2.65
N THR E 56 -27.57 -27.92 -1.34
CA THR E 56 -28.76 -27.79 -0.48
C THR E 56 -28.70 -26.52 0.38
N ARG E 57 -29.86 -26.03 0.81
CA ARG E 57 -29.89 -24.89 1.72
C ARG E 57 -29.45 -25.28 3.12
N LYS E 58 -29.93 -26.42 3.59
CA LYS E 58 -29.46 -26.98 4.85
C LYS E 58 -27.92 -26.92 4.98
N ALA E 59 -27.23 -27.10 3.87
CA ALA E 59 -25.77 -27.09 3.85
C ALA E 59 -25.20 -25.68 3.87
N ALA E 60 -25.69 -24.82 2.98
CA ALA E 60 -25.21 -23.46 2.92
C ALA E 60 -25.42 -22.76 4.25
N LEU E 61 -26.49 -23.14 4.92
CA LEU E 61 -26.85 -22.49 6.17
C LEU E 61 -25.94 -22.96 7.28
N GLU E 62 -25.63 -24.26 7.28
CA GLU E 62 -24.83 -24.84 8.35
C GLU E 62 -23.39 -24.37 8.28
N ALA E 63 -22.90 -24.19 7.06
CA ALA E 63 -21.60 -23.59 6.82
C ALA E 63 -21.61 -22.16 7.35
N GLN E 64 -22.67 -21.42 7.01
CA GLN E 64 -22.77 -20.02 7.40
C GLN E 64 -22.74 -19.85 8.91
N ASN E 65 -23.42 -20.71 9.63
CA ASN E 65 -23.43 -20.63 11.10
C ASN E 65 -22.07 -20.98 11.67
N ALA E 66 -21.38 -21.91 11.02
CA ALA E 66 -20.13 -22.41 11.56
C ALA E 66 -18.94 -21.52 11.22
N LEU E 67 -19.08 -20.67 10.20
CA LEU E 67 -17.92 -19.93 9.71
C LEU E 67 -18.04 -18.44 9.96
N HIS E 68 -19.14 -17.85 9.53
CA HIS E 68 -19.28 -16.40 9.58
C HIS E 68 -19.06 -15.82 10.97
N ASN E 69 -17.94 -15.13 11.14
CA ASN E 69 -17.54 -14.55 12.43
C ASN E 69 -17.13 -15.59 13.47
N MET E 70 -16.95 -16.84 13.06
CA MET E 70 -16.52 -17.90 13.96
C MET E 70 -15.08 -18.34 13.70
N LYS E 71 -14.66 -18.30 12.44
CA LYS E 71 -13.35 -18.83 12.07
C LYS E 71 -12.48 -17.79 11.37
N VAL E 72 -11.16 -17.89 11.57
CA VAL E 72 -10.20 -16.99 10.95
C VAL E 72 -9.11 -17.76 10.22
N LEU E 73 -9.00 -17.52 8.92
CA LEU E 73 -8.00 -18.23 8.13
C LEU E 73 -6.57 -17.73 8.39
N PRO E 74 -5.58 -18.62 8.22
CA PRO E 74 -4.19 -18.26 8.53
C PRO E 74 -3.82 -16.96 7.85
N GLY E 75 -3.31 -16.01 8.61
CA GLY E 75 -2.84 -14.74 8.06
C GLY E 75 -3.85 -13.62 8.08
N MET E 76 -5.14 -13.96 8.14
CA MET E 76 -6.18 -12.94 8.13
C MET E 76 -6.19 -12.12 9.41
N HIS E 77 -6.93 -11.00 9.39
CA HIS E 77 -7.05 -10.14 10.57
C HIS E 77 -8.49 -10.01 10.99
N HIS E 78 -9.36 -10.79 10.38
CA HIS E 78 -10.79 -10.79 10.66
C HIS E 78 -11.34 -12.17 10.36
N PRO E 79 -12.38 -12.59 11.10
CA PRO E 79 -13.01 -13.88 10.80
C PRO E 79 -13.58 -13.90 9.39
N ILE E 80 -13.99 -15.07 8.94
CA ILE E 80 -14.72 -15.19 7.69
C ILE E 80 -16.01 -14.36 7.72
N GLN E 81 -16.29 -13.68 6.62
CA GLN E 81 -17.60 -13.06 6.39
C GLN E 81 -18.35 -13.87 5.34
N MET E 82 -19.46 -14.51 5.75
CA MET E 82 -20.20 -15.40 4.87
C MET E 82 -21.71 -15.13 4.89
N LYS E 83 -22.21 -14.53 3.82
CA LYS E 83 -23.64 -14.20 3.70
C LYS E 83 -24.18 -14.53 2.32
N PRO E 84 -25.50 -14.75 2.21
CA PRO E 84 -26.10 -14.89 0.89
C PRO E 84 -25.73 -13.69 0.02
N ALA E 85 -25.09 -13.91 -1.13
CA ALA E 85 -24.59 -12.83 -1.97
C ALA E 85 -25.65 -11.78 -2.29
N ASP E 86 -25.21 -10.60 -2.73
CA ASP E 86 -26.09 -9.44 -2.94
C ASP E 86 -27.27 -9.69 -3.88
N SER E 87 -27.00 -10.18 -5.09
CA SER E 87 -28.04 -10.36 -6.09
C SER E 87 -28.76 -11.71 -5.92
N GLU E 88 -28.02 -12.80 -6.15
CA GLU E 88 -28.60 -14.14 -6.08
C GLU E 88 -28.81 -14.61 -4.64
#